data_1X9D
#
_entry.id   1X9D
#
_cell.length_a   50.687
_cell.length_b   53.878
_cell.length_c   56.234
_cell.angle_alpha   89.49
_cell.angle_beta   63.60
_cell.angle_gamma   62.61
#
_symmetry.space_group_name_H-M   'P 1'
#
loop_
_entity.id
_entity.type
_entity.pdbx_description
1 polymer 'Endoplasmic reticulum mannosyl-oligosaccharide 1,2-alpha-mannosidase'
2 branched 'alpha-D-mannopyranose-(1-2)-methyl 2-thio-alpha-D-mannopyranoside'
3 non-polymer 'CALCIUM ION'
4 non-polymer 'SULFATE ION'
5 non-polymer 1,4-BUTANEDIOL
6 water water
#
_entity_poly.entity_id   1
_entity_poly.type   'polypeptide(L)'
_entity_poly.pdbx_seq_one_letter_code
;EFALLTCRLDPPSQDLKDGTQEEATKRQEAPVDPRPEGDPQRTVISWRGAVIEPEQGTELPSRRAEVPTKPPLPPARTQG
TPVHLNYRQKGVIDVFLHAWKGYRKFAWGHDELKPVSRSFSEWFGLGLTLIDALDTMWILGLRKEFEEARKWVSKKLHFE
KDVDVNLFESTIRILGGLLSAYHLSGDSLFLRKAEDFGNRLMPAFRTPSKIPYSDVNIGTGVAHPPRWTSDSTVAEVTSI
QLEFRELSRLTGDKKFQEAVEKVTQHIHGLSGKKDGLVPMFINTHSGLFTHLGVFTLGARADSYYEYLLKQWIQGGKQET
QLLEDYVEAIEGVRTHLLRHSEPSKLTFVGELAHGRFSAKMDHLVCFLPGTLALGVYHGLPASHMELAQELMETCYQMNR
QMETGLSPEIVHFNLYPQPGRRDVEVKPADRHNLLRPETVESLFYLYRVTGDRKYQDWGWEILQSFSRFTRVPSGGYSSI
NNVQDPQKPEPRDKMESFFLGETLKYLFLLFSDDPNLLSLDAYVFNTEAHPLPIWTPA
;
_entity_poly.pdbx_strand_id   A
#
loop_
_chem_comp.id
_chem_comp.type
_chem_comp.name
_chem_comp.formula
BU1 non-polymer 1,4-BUTANEDIOL 'C4 H10 O2'
CA non-polymer 'CALCIUM ION' 'Ca 2'
MAN D-saccharide, alpha linking alpha-D-mannopyranose 'C6 H12 O6'
SO4 non-polymer 'SULFATE ION' 'O4 S -2'
Z5L D-saccharide 'methyl 2-thio-alpha-D-mannopyranoside' 'C7 H14 O5 S'
#
# COMPACT_ATOMS: atom_id res chain seq x y z
N HIS A 84 22.74 16.98 -1.40
CA HIS A 84 23.05 16.74 0.04
C HIS A 84 21.79 16.32 0.80
N LEU A 85 21.97 15.48 1.83
CA LEU A 85 20.86 15.12 2.71
C LEU A 85 20.60 16.25 3.65
N ASN A 86 19.34 16.55 3.89
CA ASN A 86 18.94 17.57 4.80
C ASN A 86 18.56 17.01 6.18
N TYR A 87 18.27 17.89 7.13
CA TYR A 87 18.02 17.55 8.50
C TYR A 87 16.93 16.50 8.66
N ARG A 88 15.82 16.70 7.96
CA ARG A 88 14.68 15.79 8.12
C ARG A 88 14.99 14.43 7.47
N GLN A 89 15.71 14.41 6.37
CA GLN A 89 16.16 13.14 5.78
C GLN A 89 17.11 12.39 6.70
N LYS A 90 18.00 13.11 7.37
CA LYS A 90 18.90 12.46 8.34
C LYS A 90 18.12 11.83 9.46
N GLY A 91 17.03 12.46 9.86
CA GLY A 91 16.13 11.92 10.87
C GLY A 91 15.45 10.63 10.40
N VAL A 92 15.03 10.60 9.14
CA VAL A 92 14.45 9.39 8.58
C VAL A 92 15.48 8.25 8.57
N ILE A 93 16.70 8.55 8.16
CA ILE A 93 17.77 7.57 8.15
C ILE A 93 18.06 7.06 9.58
N ASP A 94 18.06 7.92 10.58
CA ASP A 94 18.24 7.48 11.98
C ASP A 94 17.15 6.49 12.37
N VAL A 95 15.94 6.78 11.96
CA VAL A 95 14.81 5.89 12.25
C VAL A 95 14.97 4.58 11.51
N PHE A 96 15.32 4.62 10.23
CA PHE A 96 15.53 3.40 9.49
C PHE A 96 16.59 2.52 10.14
N LEU A 97 17.71 3.12 10.50
CA LEU A 97 18.83 2.35 11.02
C LEU A 97 18.53 1.80 12.39
N HIS A 98 17.77 2.51 13.21
CA HIS A 98 17.34 1.95 14.48
C HIS A 98 16.38 0.76 14.28
N ALA A 99 15.49 0.87 13.31
CA ALA A 99 14.60 -0.23 12.94
C ALA A 99 15.39 -1.43 12.46
N TRP A 100 16.32 -1.16 11.56
CA TRP A 100 17.11 -2.20 10.92
C TRP A 100 18.04 -2.89 11.88
N LYS A 101 18.56 -2.20 12.87
CA LYS A 101 19.45 -2.87 13.81
C LYS A 101 18.68 -3.94 14.59
N GLY A 102 17.41 -3.69 14.91
CA GLY A 102 16.58 -4.69 15.52
C GLY A 102 16.35 -5.87 14.59
N TYR A 103 16.06 -5.59 13.31
CA TYR A 103 15.85 -6.65 12.34
C TYR A 103 17.11 -7.54 12.21
N ARG A 104 18.26 -6.90 12.09
CA ARG A 104 19.51 -7.64 11.93
C ARG A 104 19.83 -8.51 13.15
N LYS A 105 19.60 -7.98 14.34
CA LYS A 105 20.01 -8.67 15.56
C LYS A 105 19.09 -9.82 15.88
N PHE A 106 17.81 -9.65 15.62
CA PHE A 106 16.80 -10.57 16.15
C PHE A 106 15.94 -11.27 15.12
N ALA A 107 15.99 -10.86 13.85
CA ALA A 107 15.07 -11.40 12.86
C ALA A 107 15.69 -11.56 11.47
N TRP A 108 17.02 -11.69 11.39
CA TRP A 108 17.68 -11.63 10.08
C TRP A 108 17.23 -12.76 9.17
N GLY A 109 16.73 -12.40 7.98
CA GLY A 109 16.28 -13.38 7.01
C GLY A 109 14.90 -13.93 7.28
N HIS A 110 14.26 -13.41 8.32
CA HIS A 110 12.89 -13.81 8.69
C HIS A 110 11.90 -12.78 8.21
N ASP A 111 10.63 -13.14 8.20
CA ASP A 111 9.64 -12.27 7.58
C ASP A 111 9.41 -11.00 8.36
N GLU A 112 9.30 -11.08 9.68
CA GLU A 112 9.00 -9.93 10.51
C GLU A 112 9.71 -9.95 11.83
N LEU A 113 10.16 -8.79 12.23
CA LEU A 113 10.70 -8.54 13.55
C LEU A 113 9.58 -8.38 14.56
N LYS A 114 9.76 -9.04 15.71
CA LYS A 114 8.96 -8.80 16.90
C LYS A 114 9.89 -8.10 17.88
N PRO A 115 9.89 -6.76 17.87
CA PRO A 115 10.95 -6.01 18.54
C PRO A 115 10.90 -6.01 20.04
N VAL A 116 9.70 -6.04 20.61
CA VAL A 116 9.59 -6.00 22.08
C VAL A 116 10.12 -7.31 22.71
N SER A 117 9.83 -8.42 22.07
CA SER A 117 10.30 -9.74 22.52
C SER A 117 11.64 -10.14 21.92
N ARG A 118 12.19 -9.31 21.00
CA ARG A 118 13.48 -9.57 20.37
C ARG A 118 13.46 -10.90 19.67
N SER A 119 12.45 -11.11 18.85
CA SER A 119 12.28 -12.33 18.12
C SER A 119 11.70 -12.03 16.74
N PHE A 120 11.07 -13.02 16.14
CA PHE A 120 10.59 -12.91 14.79
C PHE A 120 9.40 -13.78 14.54
N SER A 121 8.67 -13.46 13.48
CA SER A 121 7.56 -14.30 12.99
C SER A 121 7.75 -14.60 11.53
N GLU A 122 7.12 -15.67 11.09
CA GLU A 122 7.12 -16.07 9.69
C GLU A 122 5.69 -16.24 9.20
N TRP A 123 5.45 -15.89 7.95
CA TRP A 123 4.22 -16.34 7.26
C TRP A 123 4.48 -16.89 5.88
N PHE A 124 5.27 -16.14 5.10
N PHE A 124 5.31 -16.25 5.09
CA PHE A 124 5.86 -16.62 3.84
CA PHE A 124 5.73 -16.89 3.86
C PHE A 124 7.05 -17.57 4.08
C PHE A 124 7.12 -17.56 4.00
N GLY A 125 7.92 -17.17 4.99
CA GLY A 125 9.25 -17.78 5.16
C GLY A 125 10.19 -17.37 4.04
N LEU A 126 10.05 -16.12 3.55
CA LEU A 126 10.85 -15.61 2.43
C LEU A 126 11.52 -14.24 2.73
N GLY A 127 11.89 -14.01 3.96
CA GLY A 127 12.60 -12.77 4.31
C GLY A 127 11.82 -11.52 3.92
N LEU A 128 10.51 -11.51 4.14
CA LEU A 128 9.67 -10.44 3.69
C LEU A 128 10.19 -9.05 4.02
N THR A 129 10.56 -8.79 5.27
CA THR A 129 10.98 -7.47 5.65
C THR A 129 12.23 -7.05 4.90
N LEU A 130 13.14 -7.99 4.71
CA LEU A 130 14.36 -7.72 3.98
C LEU A 130 14.06 -7.35 2.51
N ILE A 131 13.22 -8.14 1.83
CA ILE A 131 12.93 -7.87 0.44
C ILE A 131 12.19 -6.54 0.28
N ASP A 132 11.24 -6.30 1.16
CA ASP A 132 10.45 -5.07 1.09
C ASP A 132 11.33 -3.83 1.34
N ALA A 133 12.43 -3.99 2.06
CA ALA A 133 13.30 -2.88 2.41
C ALA A 133 14.45 -2.67 1.47
N LEU A 134 14.66 -3.57 0.49
CA LEU A 134 15.83 -3.44 -0.42
C LEU A 134 15.88 -2.09 -1.06
N ASP A 135 14.80 -1.72 -1.74
CA ASP A 135 14.82 -0.44 -2.45
C ASP A 135 14.90 0.76 -1.51
N THR A 136 14.27 0.68 -0.36
CA THR A 136 14.40 1.75 0.62
C THR A 136 15.87 1.92 1.02
N MET A 137 16.57 0.81 1.30
CA MET A 137 18.01 0.93 1.65
C MET A 137 18.78 1.60 0.52
N TRP A 138 18.51 1.19 -0.72
CA TRP A 138 19.22 1.76 -1.86
C TRP A 138 18.98 3.28 -1.91
N ILE A 139 17.72 3.69 -1.86
CA ILE A 139 17.34 5.10 -2.01
C ILE A 139 17.93 5.96 -0.88
N LEU A 140 17.93 5.42 0.33
CA LEU A 140 18.45 6.14 1.49
C LEU A 140 19.98 6.17 1.52
N GLY A 141 20.63 5.49 0.59
CA GLY A 141 22.10 5.48 0.53
C GLY A 141 22.73 4.51 1.50
N LEU A 142 21.96 3.53 1.98
CA LEU A 142 22.43 2.57 2.98
C LEU A 142 23.04 1.41 2.24
N ARG A 143 24.16 1.67 1.58
CA ARG A 143 24.69 0.75 0.60
C ARG A 143 25.39 -0.45 1.21
N LYS A 144 26.02 -0.29 2.36
CA LYS A 144 26.61 -1.45 3.05
C LYS A 144 25.51 -2.41 3.54
N GLU A 145 24.42 -1.84 4.02
CA GLU A 145 23.27 -2.66 4.42
C GLU A 145 22.64 -3.37 3.22
N PHE A 146 22.53 -2.65 2.11
CA PHE A 146 22.01 -3.24 0.89
C PHE A 146 22.87 -4.41 0.42
N GLU A 147 24.19 -4.25 0.44
CA GLU A 147 25.09 -5.31 0.04
C GLU A 147 24.91 -6.54 0.90
N GLU A 148 24.76 -6.34 2.23
CA GLU A 148 24.59 -7.47 3.12
C GLU A 148 23.28 -8.19 2.80
N ALA A 149 22.24 -7.43 2.52
CA ALA A 149 20.94 -8.01 2.18
C ALA A 149 20.98 -8.73 0.83
N ARG A 150 21.72 -8.17 -0.12
CA ARG A 150 21.89 -8.79 -1.44
C ARG A 150 22.54 -10.16 -1.29
N LYS A 151 23.56 -10.26 -0.43
CA LYS A 151 24.19 -11.54 -0.19
C LYS A 151 23.18 -12.56 0.34
N TRP A 152 22.28 -12.15 1.23
CA TRP A 152 21.24 -13.04 1.74
C TRP A 152 20.34 -13.50 0.59
N VAL A 153 19.92 -12.58 -0.26
CA VAL A 153 19.09 -12.97 -1.41
C VAL A 153 19.82 -14.00 -2.29
N SER A 154 21.11 -13.77 -2.51
CA SER A 154 21.90 -14.63 -3.41
C SER A 154 22.02 -16.05 -2.87
N LYS A 155 22.17 -16.20 -1.56
CA LYS A 155 22.47 -17.50 -0.92
C LYS A 155 21.29 -18.18 -0.26
N LYS A 156 20.34 -17.40 0.26
CA LYS A 156 19.33 -17.93 1.17
C LYS A 156 17.88 -17.86 0.72
N LEU A 157 17.59 -17.10 -0.33
CA LEU A 157 16.20 -16.93 -0.81
C LEU A 157 15.87 -18.01 -1.82
N HIS A 158 14.95 -18.89 -1.46
CA HIS A 158 14.57 -20.06 -2.27
C HIS A 158 13.06 -20.22 -2.18
N PHE A 159 12.44 -20.51 -3.32
CA PHE A 159 10.98 -20.49 -3.43
C PHE A 159 10.32 -21.87 -3.51
N GLU A 160 11.04 -22.94 -3.20
CA GLU A 160 10.47 -24.31 -3.40
C GLU A 160 9.72 -24.89 -2.18
N LYS A 161 9.64 -24.17 -1.07
CA LYS A 161 9.03 -24.75 0.13
C LYS A 161 7.53 -24.98 -0.07
N ASP A 162 7.03 -25.95 0.67
CA ASP A 162 5.62 -26.26 0.70
C ASP A 162 4.96 -25.23 1.58
N VAL A 163 4.53 -24.14 0.95
CA VAL A 163 3.92 -23.04 1.67
C VAL A 163 2.91 -22.33 0.78
N ASP A 164 1.74 -22.08 1.36
CA ASP A 164 0.67 -21.32 0.73
C ASP A 164 0.94 -19.85 0.95
N VAL A 165 0.86 -19.11 -0.13
CA VAL A 165 1.01 -17.64 -0.09
C VAL A 165 -0.22 -16.97 -0.69
N ASN A 166 -0.54 -15.80 -0.22
CA ASN A 166 -1.59 -14.97 -0.81
C ASN A 166 -1.00 -14.33 -2.05
N LEU A 167 -1.66 -14.51 -3.22
CA LEU A 167 -1.17 -13.99 -4.47
C LEU A 167 -0.91 -12.48 -4.41
N PHE A 168 -1.87 -11.73 -3.90
CA PHE A 168 -1.72 -10.29 -3.83
C PHE A 168 -0.57 -9.85 -2.92
N GLU A 169 -0.52 -10.36 -1.71
CA GLU A 169 0.52 -9.90 -0.77
C GLU A 169 1.89 -10.26 -1.30
N SER A 170 2.00 -11.45 -1.86
CA SER A 170 3.21 -11.96 -2.58
C SER A 170 3.67 -11.01 -3.65
N THR A 171 2.73 -10.66 -4.50
CA THR A 171 3.00 -9.87 -5.66
C THR A 171 3.46 -8.47 -5.28
N ILE A 172 2.71 -7.79 -4.40
CA ILE A 172 3.05 -6.37 -4.13
C ILE A 172 4.34 -6.23 -3.33
N ARG A 173 4.62 -7.19 -2.46
CA ARG A 173 5.80 -7.11 -1.58
C ARG A 173 7.02 -7.74 -2.25
N ILE A 174 6.93 -9.02 -2.58
CA ILE A 174 8.09 -9.77 -3.05
C ILE A 174 8.38 -9.52 -4.54
N LEU A 175 7.39 -9.70 -5.39
CA LEU A 175 7.63 -9.46 -6.77
C LEU A 175 7.96 -7.98 -7.02
N GLY A 176 7.14 -7.08 -6.48
CA GLY A 176 7.39 -5.67 -6.61
C GLY A 176 8.75 -5.25 -6.02
N GLY A 177 9.06 -5.77 -4.85
CA GLY A 177 10.30 -5.41 -4.19
C GLY A 177 11.55 -5.88 -4.93
N LEU A 178 11.48 -7.08 -5.49
CA LEU A 178 12.58 -7.58 -6.29
C LEU A 178 12.73 -6.76 -7.56
N LEU A 179 11.63 -6.42 -8.22
CA LEU A 179 11.70 -5.66 -9.46
C LEU A 179 12.28 -4.27 -9.26
N SER A 180 11.87 -3.60 -8.19
CA SER A 180 12.42 -2.29 -7.90
C SER A 180 13.89 -2.40 -7.52
N ALA A 181 14.25 -3.41 -6.72
CA ALA A 181 15.68 -3.63 -6.39
C ALA A 181 16.50 -3.82 -7.66
N TYR A 182 15.97 -4.58 -8.62
CA TYR A 182 16.65 -4.76 -9.92
C TYR A 182 16.88 -3.46 -10.64
N HIS A 183 15.83 -2.66 -10.77
CA HIS A 183 15.93 -1.43 -11.52
C HIS A 183 16.90 -0.44 -10.89
N LEU A 184 16.86 -0.30 -9.57
CA LEU A 184 17.72 0.64 -8.88
C LEU A 184 19.18 0.19 -8.89
N SER A 185 19.43 -1.07 -8.61
CA SER A 185 20.80 -1.58 -8.44
C SER A 185 21.45 -2.04 -9.72
N GLY A 186 20.63 -2.33 -10.73
CA GLY A 186 21.11 -2.95 -11.97
C GLY A 186 21.55 -4.41 -11.81
N ASP A 187 21.28 -5.03 -10.66
CA ASP A 187 21.80 -6.36 -10.36
C ASP A 187 20.81 -7.44 -10.80
N SER A 188 21.20 -8.23 -11.80
CA SER A 188 20.30 -9.21 -12.41
C SER A 188 19.83 -10.33 -11.44
N LEU A 189 20.52 -10.52 -10.32
CA LEU A 189 20.07 -11.46 -9.30
C LEU A 189 18.58 -11.21 -8.99
N PHE A 190 18.24 -9.96 -8.82
CA PHE A 190 16.89 -9.59 -8.37
C PHE A 190 15.85 -9.96 -9.41
N LEU A 191 16.20 -9.78 -10.70
CA LEU A 191 15.30 -10.17 -11.79
C LEU A 191 15.19 -11.70 -11.90
N ARG A 192 16.29 -12.42 -11.73
CA ARG A 192 16.23 -13.87 -11.78
C ARG A 192 15.31 -14.40 -10.69
N LYS A 193 15.43 -13.85 -9.49
CA LYS A 193 14.56 -14.26 -8.40
C LYS A 193 13.10 -13.86 -8.65
N ALA A 194 12.89 -12.68 -9.21
CA ALA A 194 11.51 -12.24 -9.53
C ALA A 194 10.84 -13.19 -10.52
N GLU A 195 11.60 -13.62 -11.53
CA GLU A 195 11.04 -14.49 -12.57
C GLU A 195 10.72 -15.86 -12.02
N ASP A 196 11.58 -16.39 -11.17
CA ASP A 196 11.36 -17.68 -10.53
C ASP A 196 10.06 -17.60 -9.68
N PHE A 197 9.94 -16.55 -8.89
CA PHE A 197 8.75 -16.36 -8.05
C PHE A 197 7.50 -16.18 -8.87
N GLY A 198 7.55 -15.33 -9.90
CA GLY A 198 6.42 -15.10 -10.78
C GLY A 198 5.91 -16.40 -11.39
N ASN A 199 6.81 -17.24 -11.85
CA ASN A 199 6.41 -18.52 -12.41
C ASN A 199 5.66 -19.36 -11.41
N ARG A 200 6.08 -19.34 -10.17
CA ARG A 200 5.44 -20.14 -9.12
C ARG A 200 4.07 -19.58 -8.69
N LEU A 201 3.77 -18.32 -9.04
CA LEU A 201 2.44 -17.73 -8.74
C LEU A 201 1.40 -18.08 -9.78
N MET A 202 1.85 -18.48 -10.96
CA MET A 202 0.96 -18.64 -12.12
C MET A 202 -0.22 -19.62 -11.92
N PRO A 203 -0.06 -20.72 -11.16
CA PRO A 203 -1.21 -21.62 -10.98
C PRO A 203 -2.46 -20.95 -10.37
N ALA A 204 -2.30 -19.79 -9.72
CA ALA A 204 -3.46 -19.11 -9.18
C ALA A 204 -4.49 -18.70 -10.24
N PHE A 205 -4.06 -18.48 -11.47
CA PHE A 205 -4.95 -18.04 -12.55
C PHE A 205 -5.76 -19.15 -13.22
N ARG A 206 -5.51 -20.41 -12.85
CA ARG A 206 -6.18 -21.54 -13.49
C ARG A 206 -7.54 -21.80 -12.84
N THR A 207 -8.46 -20.88 -13.09
CA THR A 207 -9.83 -20.96 -12.58
C THR A 207 -10.76 -20.90 -13.79
N PRO A 208 -12.02 -21.29 -13.63
CA PRO A 208 -12.93 -21.24 -14.75
C PRO A 208 -13.04 -19.85 -15.40
N SER A 209 -13.02 -18.80 -14.59
CA SER A 209 -13.19 -17.45 -15.10
C SER A 209 -11.87 -16.74 -15.45
N LYS A 210 -10.75 -17.36 -15.06
CA LYS A 210 -9.41 -16.75 -15.15
C LYS A 210 -9.18 -15.61 -14.17
N ILE A 211 -10.15 -15.34 -13.31
CA ILE A 211 -9.93 -14.50 -12.13
C ILE A 211 -9.21 -15.38 -11.11
N PRO A 212 -8.05 -14.96 -10.60
CA PRO A 212 -7.24 -15.89 -9.81
C PRO A 212 -7.76 -16.20 -8.44
N TYR A 213 -7.47 -17.42 -7.98
CA TYR A 213 -7.65 -17.77 -6.60
C TYR A 213 -6.83 -16.89 -5.67
N SER A 214 -7.23 -16.83 -4.42
CA SER A 214 -6.56 -15.99 -3.41
C SER A 214 -5.17 -16.53 -3.08
N ASP A 215 -5.02 -17.84 -3.04
CA ASP A 215 -3.81 -18.49 -2.51
C ASP A 215 -3.19 -19.46 -3.49
N VAL A 216 -1.88 -19.58 -3.42
CA VAL A 216 -1.13 -20.53 -4.25
C VAL A 216 0.06 -21.04 -3.46
N ASN A 217 0.33 -22.34 -3.59
CA ASN A 217 1.47 -22.95 -2.92
C ASN A 217 2.61 -22.93 -3.90
N ILE A 218 3.64 -22.17 -3.55
CA ILE A 218 4.77 -21.96 -4.46
C ILE A 218 5.63 -23.22 -4.67
N GLY A 219 5.59 -24.14 -3.73
CA GLY A 219 6.36 -25.40 -3.83
C GLY A 219 5.61 -26.53 -4.50
N THR A 220 4.31 -26.65 -4.25
CA THR A 220 3.53 -27.79 -4.78
C THR A 220 2.75 -27.46 -6.06
N GLY A 221 2.53 -26.16 -6.32
CA GLY A 221 1.79 -25.74 -7.51
C GLY A 221 0.27 -25.76 -7.38
N VAL A 222 -0.23 -26.04 -6.19
CA VAL A 222 -1.65 -26.10 -5.94
C VAL A 222 -2.13 -24.69 -5.57
N ALA A 223 -3.20 -24.23 -6.22
CA ALA A 223 -3.85 -22.98 -5.84
C ALA A 223 -5.27 -23.27 -5.37
N HIS A 224 -5.82 -22.40 -4.52
CA HIS A 224 -7.14 -22.60 -4.00
C HIS A 224 -7.70 -21.28 -3.44
N PRO A 225 -9.02 -21.19 -3.31
CA PRO A 225 -9.64 -20.07 -2.65
C PRO A 225 -9.66 -20.26 -1.16
N PRO A 226 -10.18 -19.31 -0.39
CA PRO A 226 -10.35 -19.51 1.05
C PRO A 226 -11.29 -20.71 1.34
N ARG A 227 -11.26 -21.21 2.57
CA ARG A 227 -12.01 -22.41 2.95
C ARG A 227 -13.53 -22.29 2.76
N TRP A 228 -14.08 -21.12 3.08
CA TRP A 228 -15.54 -20.93 3.08
C TRP A 228 -16.17 -20.34 1.80
N THR A 229 -15.34 -20.03 0.81
CA THR A 229 -15.86 -19.36 -0.39
C THR A 229 -14.99 -19.61 -1.60
N SER A 230 -15.59 -19.56 -2.80
CA SER A 230 -14.80 -19.52 -4.04
C SER A 230 -14.62 -18.06 -4.56
N ASP A 231 -14.99 -17.08 -3.74
CA ASP A 231 -14.69 -15.67 -4.06
C ASP A 231 -13.24 -15.31 -3.83
N SER A 232 -12.76 -14.39 -4.66
CA SER A 232 -11.56 -13.60 -4.40
C SER A 232 -11.94 -12.18 -4.03
N THR A 233 -10.96 -11.45 -3.53
CA THR A 233 -11.12 -10.06 -3.13
C THR A 233 -10.80 -9.17 -4.33
N VAL A 234 -11.66 -8.21 -4.61
CA VAL A 234 -11.51 -7.41 -5.83
C VAL A 234 -10.17 -6.63 -5.85
N ALA A 235 -9.82 -5.96 -4.76
CA ALA A 235 -8.54 -5.26 -4.77
C ALA A 235 -7.40 -6.21 -5.00
N GLU A 236 -7.49 -7.43 -4.47
CA GLU A 236 -6.39 -8.37 -4.62
C GLU A 236 -6.15 -8.79 -6.06
N VAL A 237 -7.20 -9.00 -6.84
CA VAL A 237 -7.03 -9.43 -8.22
C VAL A 237 -6.77 -8.29 -9.21
N THR A 238 -7.00 -7.04 -8.76
CA THR A 238 -6.82 -5.85 -9.59
C THR A 238 -5.64 -4.99 -9.15
N SER A 239 -4.85 -5.47 -8.21
CA SER A 239 -3.69 -4.76 -7.68
C SER A 239 -2.41 -5.55 -7.81
N ILE A 240 -2.33 -6.39 -8.86
CA ILE A 240 -1.15 -7.18 -9.19
C ILE A 240 -0.60 -6.90 -10.61
N GLN A 241 -1.23 -5.95 -11.29
CA GLN A 241 -1.02 -5.79 -12.74
C GLN A 241 0.28 -5.08 -13.07
N LEU A 242 0.64 -4.06 -12.31
CA LEU A 242 1.88 -3.32 -12.58
C LEU A 242 3.05 -4.29 -12.61
N GLU A 243 3.07 -5.18 -11.63
CA GLU A 243 4.18 -6.06 -11.37
C GLU A 243 4.29 -7.15 -12.40
N PHE A 244 3.18 -7.79 -12.70
CA PHE A 244 3.19 -8.84 -13.74
C PHE A 244 3.45 -8.25 -15.12
N ARG A 245 2.90 -7.08 -15.43
CA ARG A 245 3.18 -6.41 -16.69
C ARG A 245 4.66 -6.13 -16.82
N GLU A 246 5.27 -5.58 -15.78
CA GLU A 246 6.68 -5.26 -15.83
C GLU A 246 7.53 -6.53 -15.94
N LEU A 247 7.17 -7.58 -15.22
CA LEU A 247 7.90 -8.85 -15.33
C LEU A 247 7.88 -9.36 -16.78
N SER A 248 6.74 -9.30 -17.45
CA SER A 248 6.70 -9.69 -18.87
C SER A 248 7.61 -8.80 -19.72
N ARG A 249 7.61 -7.51 -19.47
CA ARG A 249 8.43 -6.58 -20.26
C ARG A 249 9.91 -6.95 -20.14
N LEU A 250 10.36 -7.24 -18.94
CA LEU A 250 11.79 -7.49 -18.70
C LEU A 250 12.21 -8.86 -19.19
N THR A 251 11.36 -9.85 -19.06
CA THR A 251 11.71 -11.26 -19.38
C THR A 251 11.41 -11.65 -20.80
N GLY A 252 10.50 -10.94 -21.46
CA GLY A 252 10.02 -11.35 -22.80
C GLY A 252 9.07 -12.57 -22.75
N ASP A 253 8.64 -12.94 -21.55
CA ASP A 253 7.69 -14.02 -21.35
C ASP A 253 6.32 -13.39 -21.17
N LYS A 254 5.45 -13.50 -22.16
CA LYS A 254 4.16 -12.78 -22.16
C LYS A 254 3.12 -13.34 -21.21
N LYS A 255 3.39 -14.49 -20.60
CA LYS A 255 2.35 -15.17 -19.81
C LYS A 255 1.89 -14.34 -18.59
N PHE A 256 2.81 -13.58 -18.00
CA PHE A 256 2.49 -12.79 -16.79
C PHE A 256 1.52 -11.66 -17.16
N GLN A 257 1.89 -10.86 -18.16
CA GLN A 257 1.03 -9.79 -18.64
C GLN A 257 -0.31 -10.34 -19.11
N GLU A 258 -0.30 -11.44 -19.86
CA GLU A 258 -1.55 -11.92 -20.43
C GLU A 258 -2.52 -12.31 -19.34
N ALA A 259 -2.02 -12.93 -18.29
CA ALA A 259 -2.89 -13.39 -17.20
C ALA A 259 -3.53 -12.21 -16.46
N VAL A 260 -2.75 -11.20 -16.12
CA VAL A 260 -3.29 -10.11 -15.34
C VAL A 260 -4.13 -9.19 -16.18
N GLU A 261 -3.82 -9.04 -17.47
CA GLU A 261 -4.63 -8.17 -18.32
C GLU A 261 -6.00 -8.77 -18.59
N LYS A 262 -6.11 -10.10 -18.60
CA LYS A 262 -7.43 -10.74 -18.75
C LYS A 262 -8.36 -10.30 -17.60
N VAL A 263 -7.81 -10.22 -16.41
CA VAL A 263 -8.57 -9.84 -15.22
C VAL A 263 -9.08 -8.42 -15.38
N THR A 264 -8.19 -7.49 -15.72
CA THR A 264 -8.56 -6.08 -15.92
C THR A 264 -9.68 -5.91 -16.97
N GLN A 265 -9.52 -6.58 -18.10
CA GLN A 265 -10.46 -6.47 -19.21
C GLN A 265 -11.81 -7.03 -18.84
N HIS A 266 -11.80 -8.14 -18.13
CA HIS A 266 -13.03 -8.76 -17.66
C HIS A 266 -13.79 -7.84 -16.71
N ILE A 267 -13.08 -7.28 -15.73
CA ILE A 267 -13.72 -6.40 -14.77
C ILE A 267 -14.22 -5.11 -15.42
N HIS A 268 -13.54 -4.67 -16.46
CA HIS A 268 -14.02 -3.53 -17.24
C HIS A 268 -15.46 -3.67 -17.72
N GLY A 269 -15.85 -4.90 -18.02
CA GLY A 269 -17.20 -5.15 -18.57
C GLY A 269 -18.24 -5.69 -17.59
N LEU A 270 -17.93 -5.75 -16.28
CA LEU A 270 -18.83 -6.37 -15.31
C LEU A 270 -19.98 -5.44 -14.93
N SER A 271 -21.15 -6.05 -14.73
CA SER A 271 -22.30 -5.37 -14.17
C SER A 271 -22.13 -5.25 -12.65
N GLY A 272 -22.96 -4.40 -12.05
CA GLY A 272 -23.01 -4.27 -10.61
C GLY A 272 -22.14 -3.19 -9.98
N LYS A 273 -21.50 -2.35 -10.78
CA LYS A 273 -20.82 -1.20 -10.25
C LYS A 273 -21.84 -0.10 -9.93
N LYS A 274 -21.47 0.82 -9.07
CA LYS A 274 -22.29 2.02 -8.82
C LYS A 274 -21.46 3.24 -9.24
N ASP A 275 -21.74 3.77 -10.42
CA ASP A 275 -21.01 4.92 -10.96
C ASP A 275 -19.50 4.72 -10.83
N GLY A 276 -19.04 3.55 -11.25
CA GLY A 276 -17.62 3.22 -11.27
C GLY A 276 -17.10 2.60 -9.99
N LEU A 277 -17.90 2.58 -8.94
CA LEU A 277 -17.50 1.99 -7.69
C LEU A 277 -17.71 0.48 -7.76
N VAL A 278 -16.74 -0.30 -7.29
CA VAL A 278 -16.83 -1.76 -7.38
C VAL A 278 -17.17 -2.44 -6.05
N PRO A 279 -17.91 -3.55 -6.12
CA PRO A 279 -18.05 -4.42 -4.96
C PRO A 279 -16.71 -5.01 -4.48
N MET A 280 -16.73 -5.64 -3.32
CA MET A 280 -15.53 -6.10 -2.64
C MET A 280 -15.03 -7.46 -3.06
N PHE A 281 -15.94 -8.27 -3.63
CA PHE A 281 -15.63 -9.66 -3.91
C PHE A 281 -16.07 -10.04 -5.32
N ILE A 282 -15.40 -11.05 -5.86
CA ILE A 282 -15.63 -11.52 -7.21
C ILE A 282 -15.47 -13.04 -7.20
N ASN A 283 -16.44 -13.74 -7.78
CA ASN A 283 -16.40 -15.19 -7.75
C ASN A 283 -15.50 -15.75 -8.83
N THR A 284 -14.60 -16.65 -8.43
CA THR A 284 -13.64 -17.24 -9.40
C THR A 284 -14.26 -18.24 -10.36
N HIS A 285 -15.40 -18.83 -10.01
CA HIS A 285 -16.06 -19.78 -10.92
C HIS A 285 -16.90 -19.03 -11.95
N SER A 286 -17.76 -18.11 -11.49
CA SER A 286 -18.67 -17.39 -12.40
C SER A 286 -18.04 -16.15 -13.02
N GLY A 287 -17.01 -15.61 -12.37
CA GLY A 287 -16.42 -14.36 -12.80
C GLY A 287 -17.21 -13.11 -12.40
N LEU A 288 -18.34 -13.25 -11.71
CA LEU A 288 -19.18 -12.08 -11.41
C LEU A 288 -18.91 -11.53 -10.02
N PHE A 289 -19.15 -10.24 -9.83
CA PHE A 289 -19.09 -9.66 -8.50
C PHE A 289 -20.09 -10.34 -7.57
N THR A 290 -19.72 -10.40 -6.30
CA THR A 290 -20.64 -10.79 -5.24
C THR A 290 -20.64 -9.68 -4.18
N HIS A 291 -21.41 -9.89 -3.11
CA HIS A 291 -21.67 -8.85 -2.11
C HIS A 291 -22.12 -7.58 -2.79
N LEU A 292 -23.14 -7.72 -3.60
CA LEU A 292 -23.62 -6.60 -4.39
C LEU A 292 -24.23 -5.52 -3.52
N GLY A 293 -24.11 -4.28 -3.97
CA GLY A 293 -24.69 -3.16 -3.31
C GLY A 293 -23.91 -2.60 -2.13
N VAL A 294 -22.72 -3.13 -1.89
CA VAL A 294 -21.89 -2.72 -0.77
C VAL A 294 -20.58 -2.14 -1.30
N PHE A 295 -20.34 -0.85 -1.00
CA PHE A 295 -19.25 -0.08 -1.61
C PHE A 295 -18.40 0.61 -0.57
N THR A 296 -17.09 0.33 -0.65
CA THR A 296 -16.11 0.97 0.20
C THR A 296 -14.90 1.34 -0.65
N LEU A 297 -14.19 2.38 -0.25
CA LEU A 297 -12.89 2.71 -0.81
C LEU A 297 -11.75 2.26 0.08
N GLY A 298 -12.05 1.52 1.13
CA GLY A 298 -11.05 0.99 2.04
C GLY A 298 -10.69 -0.44 1.70
N ALA A 299 -10.44 -1.23 2.74
CA ALA A 299 -9.94 -2.58 2.56
C ALA A 299 -10.86 -3.33 1.63
N ARG A 300 -10.23 -4.06 0.68
CA ARG A 300 -10.84 -4.97 -0.31
C ARG A 300 -11.18 -4.31 -1.62
N ALA A 301 -11.14 -2.96 -1.67
CA ALA A 301 -11.40 -2.24 -2.92
C ALA A 301 -10.37 -1.13 -3.26
N ASP A 302 -9.91 -0.38 -2.26
CA ASP A 302 -8.94 0.71 -2.43
C ASP A 302 -8.02 0.64 -3.64
N SER A 303 -7.13 -0.34 -3.70
CA SER A 303 -6.07 -0.29 -4.67
C SER A 303 -6.53 -0.66 -6.08
N TYR A 304 -7.74 -1.18 -6.26
CA TYR A 304 -8.34 -1.22 -7.58
C TYR A 304 -8.30 0.14 -8.26
N TYR A 305 -8.70 1.16 -7.53
CA TYR A 305 -8.79 2.50 -8.09
C TYR A 305 -7.41 3.05 -8.39
N GLU A 306 -6.51 2.85 -7.44
CA GLU A 306 -5.12 3.22 -7.56
C GLU A 306 -4.48 2.64 -8.80
N TYR A 307 -4.71 1.34 -9.04
CA TYR A 307 -4.07 0.67 -10.17
C TYR A 307 -4.72 0.95 -11.49
N LEU A 308 -5.95 1.46 -11.54
CA LEU A 308 -6.48 1.95 -12.84
C LEU A 308 -5.62 3.09 -13.31
N LEU A 309 -5.40 4.07 -12.45
CA LEU A 309 -4.58 5.23 -12.80
C LEU A 309 -3.15 4.81 -13.05
N LYS A 310 -2.59 4.01 -12.16
CA LYS A 310 -1.17 3.72 -12.27
C LYS A 310 -0.83 2.87 -13.49
N GLN A 311 -1.70 1.93 -13.87
CA GLN A 311 -1.49 1.17 -15.11
C GLN A 311 -1.55 2.10 -16.31
N TRP A 312 -2.50 3.03 -16.29
CA TRP A 312 -2.62 4.00 -17.40
C TRP A 312 -1.30 4.78 -17.54
N ILE A 313 -0.76 5.25 -16.43
CA ILE A 313 0.53 5.96 -16.44
C ILE A 313 1.65 5.04 -16.93
N GLN A 314 1.73 3.84 -16.35
CA GLN A 314 2.79 2.88 -16.70
C GLN A 314 2.85 2.64 -18.19
N GLY A 315 1.69 2.47 -18.79
CA GLY A 315 1.60 2.11 -20.20
C GLY A 315 1.73 3.28 -21.15
N GLY A 316 2.12 4.45 -20.67
CA GLY A 316 2.31 5.60 -21.55
C GLY A 316 1.02 6.29 -21.96
N LYS A 317 0.00 6.17 -21.12
CA LYS A 317 -1.26 6.90 -21.31
C LYS A 317 -2.01 6.54 -22.60
N GLN A 318 -1.83 5.31 -23.06
CA GLN A 318 -2.52 4.85 -24.27
C GLN A 318 -3.73 3.94 -24.01
N GLU A 319 -3.84 3.40 -22.81
CA GLU A 319 -4.90 2.46 -22.48
C GLU A 319 -6.11 3.23 -21.91
N THR A 320 -6.91 3.75 -22.83
CA THR A 320 -7.94 4.71 -22.45
C THR A 320 -9.03 4.13 -21.55
N GLN A 321 -9.32 2.83 -21.66
CA GLN A 321 -10.34 2.22 -20.80
C GLN A 321 -9.99 2.36 -19.32
N LEU A 322 -8.70 2.25 -19.00
CA LEU A 322 -8.24 2.39 -17.60
C LEU A 322 -8.56 3.79 -17.09
N LEU A 323 -8.18 4.78 -17.89
CA LEU A 323 -8.47 6.19 -17.54
C LEU A 323 -9.97 6.43 -17.40
N GLU A 324 -10.74 5.94 -18.36
CA GLU A 324 -12.19 6.12 -18.30
C GLU A 324 -12.79 5.55 -17.02
N ASP A 325 -12.36 4.34 -16.65
CA ASP A 325 -12.89 3.69 -15.46
C ASP A 325 -12.47 4.43 -14.17
N TYR A 326 -11.26 4.98 -14.19
CA TYR A 326 -10.77 5.78 -13.06
C TYR A 326 -11.57 7.07 -12.91
N VAL A 327 -11.70 7.81 -14.02
CA VAL A 327 -12.45 9.06 -14.01
C VAL A 327 -13.88 8.84 -13.57
N GLU A 328 -14.50 7.76 -14.05
CA GLU A 328 -15.84 7.42 -13.66
C GLU A 328 -15.94 7.18 -12.14
N ALA A 329 -15.00 6.39 -11.62
CA ALA A 329 -14.97 6.07 -10.19
C ALA A 329 -14.85 7.32 -9.33
N ILE A 330 -13.97 8.26 -9.71
CA ILE A 330 -13.82 9.45 -8.88
C ILE A 330 -15.13 10.26 -8.87
N GLU A 331 -15.83 10.32 -10.00
CA GLU A 331 -17.14 10.95 -9.99
C GLU A 331 -18.12 10.20 -9.07
N GLY A 332 -18.07 8.87 -9.09
CA GLY A 332 -18.85 8.08 -8.16
C GLY A 332 -18.56 8.35 -6.69
N VAL A 333 -17.28 8.46 -6.33
CA VAL A 333 -16.90 8.87 -4.97
C VAL A 333 -17.56 10.23 -4.62
N ARG A 334 -17.43 11.19 -5.51
CA ARG A 334 -18.01 12.53 -5.28
C ARG A 334 -19.53 12.48 -5.11
N THR A 335 -20.18 11.64 -5.91
CA THR A 335 -21.63 11.59 -5.90
C THR A 335 -22.20 10.87 -4.70
N HIS A 336 -21.56 9.77 -4.29
CA HIS A 336 -22.12 8.86 -3.31
C HIS A 336 -21.43 8.77 -1.97
N LEU A 337 -20.12 9.04 -1.91
CA LEU A 337 -19.36 8.69 -0.70
C LEU A 337 -18.83 9.86 0.08
N LEU A 338 -18.87 11.06 -0.48
CA LEU A 338 -18.29 12.22 0.17
C LEU A 338 -19.29 12.93 1.05
N ARG A 339 -18.90 13.18 2.29
CA ARG A 339 -19.68 14.00 3.25
C ARG A 339 -18.71 14.91 4.01
N HIS A 340 -19.25 15.74 4.90
CA HIS A 340 -18.45 16.63 5.74
C HIS A 340 -18.70 16.37 7.20
N SER A 341 -17.61 16.40 7.97
CA SER A 341 -17.67 16.17 9.40
C SER A 341 -18.12 17.39 10.20
N GLU A 342 -18.48 17.11 11.45
CA GLU A 342 -18.70 18.16 12.46
C GLU A 342 -17.70 17.93 13.60
N PRO A 343 -17.13 18.99 14.19
CA PRO A 343 -17.46 20.39 13.92
C PRO A 343 -16.66 21.09 12.82
N SER A 344 -15.64 20.45 12.28
CA SER A 344 -14.69 21.14 11.40
C SER A 344 -15.01 21.13 9.88
N LYS A 345 -16.08 20.42 9.47
CA LYS A 345 -16.47 20.33 8.04
C LYS A 345 -15.38 19.71 7.18
N LEU A 346 -14.68 18.73 7.72
CA LEU A 346 -13.67 17.98 6.97
C LEU A 346 -14.36 17.12 5.95
N THR A 347 -13.82 17.11 4.74
CA THR A 347 -14.32 16.22 3.69
C THR A 347 -13.83 14.81 3.95
N PHE A 348 -14.73 13.84 3.98
CA PHE A 348 -14.32 12.46 4.19
C PHE A 348 -15.10 11.54 3.27
N VAL A 349 -14.60 10.31 3.16
CA VAL A 349 -15.18 9.29 2.31
C VAL A 349 -15.75 8.25 3.20
N GLY A 350 -17.06 8.03 3.08
CA GLY A 350 -17.73 6.98 3.83
C GLY A 350 -18.04 5.75 2.98
N GLU A 351 -18.82 4.85 3.53
CA GLU A 351 -19.16 3.59 2.90
C GLU A 351 -20.66 3.55 2.60
N LEU A 352 -21.06 2.71 1.64
CA LEU A 352 -22.46 2.60 1.24
C LEU A 352 -22.86 1.15 1.28
N ALA A 353 -24.00 0.85 1.87
CA ALA A 353 -24.52 -0.51 1.89
C ALA A 353 -26.00 -0.47 1.57
N HIS A 354 -26.36 -0.95 0.38
CA HIS A 354 -27.76 -0.98 -0.08
C HIS A 354 -28.38 0.42 0.03
N GLY A 355 -27.59 1.42 -0.36
CA GLY A 355 -28.02 2.82 -0.39
C GLY A 355 -27.91 3.57 0.95
N ARG A 356 -27.57 2.87 2.03
CA ARG A 356 -27.39 3.48 3.36
C ARG A 356 -25.94 3.94 3.57
N PHE A 357 -25.76 5.19 3.93
CA PHE A 357 -24.43 5.78 4.14
C PHE A 357 -23.92 5.48 5.55
N SER A 358 -22.64 5.12 5.64
CA SER A 358 -21.96 4.91 6.90
C SER A 358 -20.72 5.79 6.97
N ALA A 359 -20.55 6.52 8.07
CA ALA A 359 -19.45 7.48 8.20
C ALA A 359 -18.16 6.83 8.72
N LYS A 360 -17.89 5.62 8.25
CA LYS A 360 -16.71 4.84 8.64
C LYS A 360 -15.67 5.01 7.54
N MET A 361 -14.43 5.30 7.94
CA MET A 361 -13.34 5.49 6.99
C MET A 361 -12.09 4.78 7.54
N ASP A 362 -11.68 3.73 6.84
CA ASP A 362 -10.41 3.06 7.14
C ASP A 362 -9.25 4.03 6.88
N HIS A 363 -8.19 3.96 7.68
CA HIS A 363 -6.96 4.68 7.35
C HIS A 363 -6.48 4.35 5.93
N LEU A 364 -6.75 3.14 5.47
CA LEU A 364 -6.40 2.75 4.10
C LEU A 364 -6.90 3.72 3.05
N VAL A 365 -8.05 4.34 3.30
CA VAL A 365 -8.62 5.30 2.35
C VAL A 365 -7.73 6.49 2.12
N CYS A 366 -6.82 6.75 3.05
CA CYS A 366 -5.87 7.84 2.89
C CYS A 366 -4.89 7.70 1.74
N PHE A 367 -4.89 6.58 1.03
CA PHE A 367 -4.16 6.50 -0.24
C PHE A 367 -4.74 7.49 -1.23
N LEU A 368 -6.03 7.82 -1.10
CA LEU A 368 -6.74 8.48 -2.17
C LEU A 368 -6.25 9.91 -2.49
N PRO A 369 -6.03 10.78 -1.51
CA PRO A 369 -5.46 12.11 -1.85
C PRO A 369 -4.21 12.01 -2.70
N GLY A 370 -3.31 11.12 -2.35
CA GLY A 370 -2.07 10.98 -3.13
C GLY A 370 -2.30 10.52 -4.55
N THR A 371 -3.18 9.55 -4.73
CA THR A 371 -3.53 9.05 -6.05
C THR A 371 -4.21 10.17 -6.86
N LEU A 372 -5.12 10.92 -6.24
CA LEU A 372 -5.75 12.04 -6.94
C LEU A 372 -4.71 13.04 -7.42
N ALA A 373 -3.77 13.42 -6.56
CA ALA A 373 -2.72 14.40 -6.90
C ALA A 373 -1.81 13.86 -7.99
N LEU A 374 -1.45 12.61 -7.89
CA LEU A 374 -0.65 11.94 -8.94
C LEU A 374 -1.36 12.07 -10.28
N GLY A 375 -2.65 11.81 -10.31
CA GLY A 375 -3.41 11.92 -11.55
C GLY A 375 -3.37 13.34 -12.10
N VAL A 376 -3.52 14.34 -11.25
CA VAL A 376 -3.48 15.74 -11.70
C VAL A 376 -2.13 16.06 -12.31
N TYR A 377 -1.04 15.60 -11.71
CA TYR A 377 0.28 15.79 -12.32
C TYR A 377 0.29 15.28 -13.77
N HIS A 378 -0.41 14.19 -14.01
CA HIS A 378 -0.49 13.53 -15.30
C HIS A 378 -1.63 13.96 -16.17
N GLY A 379 -2.35 15.00 -15.79
CA GLY A 379 -3.34 15.63 -16.66
C GLY A 379 -4.77 15.48 -16.26
N LEU A 380 -5.05 14.84 -15.13
CA LEU A 380 -6.42 14.75 -14.65
C LEU A 380 -6.94 16.15 -14.22
N PRO A 381 -8.26 16.33 -14.20
CA PRO A 381 -8.85 17.65 -13.99
C PRO A 381 -8.53 18.28 -12.65
N ALA A 382 -8.58 19.61 -12.60
CA ALA A 382 -8.33 20.34 -11.37
C ALA A 382 -9.27 19.98 -10.25
N SER A 383 -10.47 19.52 -10.56
CA SER A 383 -11.40 19.07 -9.54
C SER A 383 -10.81 17.97 -8.68
N HIS A 384 -9.96 17.14 -9.29
CA HIS A 384 -9.29 16.08 -8.54
C HIS A 384 -8.30 16.66 -7.51
N MET A 385 -7.65 17.78 -7.85
CA MET A 385 -6.72 18.40 -6.91
C MET A 385 -7.47 19.06 -5.76
N GLU A 386 -8.62 19.67 -6.05
CA GLU A 386 -9.42 20.26 -4.99
C GLU A 386 -9.78 19.19 -3.97
N LEU A 387 -10.24 18.07 -4.46
CA LEU A 387 -10.58 16.94 -3.58
C LEU A 387 -9.33 16.38 -2.87
N ALA A 388 -8.23 16.25 -3.60
CA ALA A 388 -6.98 15.77 -2.99
C ALA A 388 -6.59 16.62 -1.80
N GLN A 389 -6.65 17.95 -1.92
CA GLN A 389 -6.22 18.81 -0.81
C GLN A 389 -7.18 18.72 0.39
N GLU A 390 -8.46 18.62 0.12
CA GLU A 390 -9.45 18.43 1.21
C GLU A 390 -9.20 17.12 1.93
N LEU A 391 -9.05 16.02 1.19
CA LEU A 391 -8.81 14.73 1.81
C LEU A 391 -7.46 14.66 2.51
N MET A 392 -6.46 15.38 2.04
CA MET A 392 -5.18 15.37 2.71
C MET A 392 -5.31 16.01 4.08
N GLU A 393 -6.05 17.13 4.18
CA GLU A 393 -6.31 17.75 5.47
C GLU A 393 -7.00 16.76 6.40
N THR A 394 -8.02 16.08 5.89
CA THR A 394 -8.72 15.12 6.69
C THR A 394 -7.81 14.01 7.22
N CYS A 395 -7.00 13.43 6.34
CA CYS A 395 -6.10 12.37 6.75
C CYS A 395 -5.08 12.87 7.77
N TYR A 396 -4.59 14.06 7.58
CA TYR A 396 -3.72 14.71 8.58
C TYR A 396 -4.45 14.80 9.95
N GLN A 397 -5.70 15.26 9.93
CA GLN A 397 -6.47 15.39 11.18
C GLN A 397 -6.72 14.02 11.84
N MET A 398 -6.90 12.96 11.03
CA MET A 398 -7.02 11.62 11.58
C MET A 398 -5.83 11.24 12.44
N ASN A 399 -4.66 11.76 12.09
CA ASN A 399 -3.46 11.60 12.90
C ASN A 399 -3.44 12.61 14.07
N ARG A 400 -3.49 13.88 13.75
CA ARG A 400 -3.20 14.89 14.77
C ARG A 400 -4.27 15.04 15.83
N GLN A 401 -5.51 14.62 15.56
CA GLN A 401 -6.57 14.66 16.60
C GLN A 401 -6.44 13.54 17.62
N MET A 402 -5.53 12.57 17.40
CA MET A 402 -5.27 11.53 18.40
C MET A 402 -4.22 12.00 19.40
N GLU A 403 -4.28 11.45 20.63
CA GLU A 403 -3.38 11.87 21.71
C GLU A 403 -1.92 11.55 21.39
N THR A 404 -1.65 10.48 20.64
CA THR A 404 -0.29 10.18 20.18
C THR A 404 0.07 10.85 18.85
N GLY A 405 -0.89 11.51 18.20
CA GLY A 405 -0.67 12.07 16.87
C GLY A 405 -0.61 11.04 15.73
N LEU A 406 -1.04 9.80 16.01
CA LEU A 406 -1.01 8.72 15.02
C LEU A 406 -2.41 8.23 14.78
N SER A 407 -2.79 8.09 13.51
CA SER A 407 -4.13 7.67 13.16
C SER A 407 -4.41 6.25 13.59
N PRO A 408 -5.63 5.98 14.06
CA PRO A 408 -6.04 4.61 14.30
C PRO A 408 -6.31 3.90 12.97
N GLU A 409 -6.55 2.61 13.03
CA GLU A 409 -6.85 1.81 11.86
C GLU A 409 -8.13 2.24 11.13
N ILE A 410 -9.14 2.63 11.90
CA ILE A 410 -10.45 3.00 11.38
C ILE A 410 -10.95 4.16 12.18
N VAL A 411 -11.49 5.18 11.50
CA VAL A 411 -12.17 6.28 12.18
C VAL A 411 -13.62 6.31 11.77
N HIS A 412 -14.43 6.99 12.59
CA HIS A 412 -15.80 7.36 12.25
C HIS A 412 -15.95 8.87 12.40
N PHE A 413 -16.75 9.46 11.54
CA PHE A 413 -17.04 10.92 11.60
C PHE A 413 -18.53 11.16 11.97
N ASN A 414 -18.86 12.35 12.56
CA ASN A 414 -20.28 12.76 12.84
C ASN A 414 -20.75 13.73 11.80
N LEU A 415 -21.94 13.46 11.23
CA LEU A 415 -22.53 14.34 10.24
C LEU A 415 -23.22 15.53 10.90
N TYR A 416 -23.53 15.40 12.20
CA TYR A 416 -24.19 16.46 12.96
C TYR A 416 -23.45 16.75 14.26
N PRO A 417 -23.56 18.00 14.74
CA PRO A 417 -22.81 18.43 15.91
C PRO A 417 -23.16 17.64 17.17
N GLN A 418 -22.13 17.22 17.88
CA GLN A 418 -22.21 16.44 19.09
C GLN A 418 -21.42 17.15 20.18
N PRO A 419 -22.09 17.65 21.22
CA PRO A 419 -21.38 18.33 22.30
C PRO A 419 -20.18 17.55 22.83
N GLY A 420 -19.05 18.23 22.92
CA GLY A 420 -17.81 17.68 23.49
C GLY A 420 -17.00 16.76 22.56
N ARG A 421 -17.43 16.58 21.31
CA ARG A 421 -16.81 15.58 20.44
C ARG A 421 -15.90 16.22 19.42
N ARG A 422 -14.81 15.52 19.12
CA ARG A 422 -13.89 15.90 18.03
C ARG A 422 -14.47 15.46 16.70
N ASP A 423 -13.83 15.84 15.60
CA ASP A 423 -14.25 15.32 14.30
C ASP A 423 -14.01 13.84 14.19
N VAL A 424 -12.82 13.42 14.64
CA VAL A 424 -12.33 12.04 14.45
C VAL A 424 -12.70 11.17 15.66
N GLU A 425 -13.74 10.36 15.50
CA GLU A 425 -14.18 9.41 16.50
C GLU A 425 -13.54 8.06 16.25
N VAL A 426 -13.26 7.31 17.31
CA VAL A 426 -12.62 6.03 17.18
C VAL A 426 -13.27 5.04 18.14
N LYS A 427 -13.73 3.93 17.59
CA LYS A 427 -14.29 2.87 18.41
C LYS A 427 -13.17 2.28 19.22
N PRO A 428 -13.43 1.91 20.46
CA PRO A 428 -12.40 1.29 21.30
C PRO A 428 -11.61 0.17 20.62
N ALA A 429 -12.27 -0.69 19.83
CA ALA A 429 -11.56 -1.81 19.17
C ALA A 429 -10.63 -1.40 18.01
N ASP A 430 -10.78 -0.17 17.52
CA ASP A 430 -10.09 0.26 16.30
C ASP A 430 -8.90 1.14 16.58
N ARG A 431 -8.48 1.26 17.84
CA ARG A 431 -7.47 2.24 18.25
C ARG A 431 -6.02 1.88 17.96
N HIS A 432 -5.79 0.80 17.23
CA HIS A 432 -4.41 0.40 16.94
C HIS A 432 -3.82 1.19 15.78
N ASN A 433 -2.52 1.26 15.76
CA ASN A 433 -1.77 1.80 14.62
C ASN A 433 -0.71 0.79 14.25
N LEU A 434 -0.68 0.38 12.97
CA LEU A 434 0.22 -0.68 12.54
C LEU A 434 1.41 -0.12 11.74
N LEU A 435 1.71 1.14 11.98
CA LEU A 435 2.80 1.86 11.30
C LEU A 435 2.53 2.02 9.80
N ARG A 436 1.24 2.15 9.45
CA ARG A 436 0.81 2.17 8.07
C ARG A 436 1.24 3.46 7.38
N PRO A 437 1.51 3.35 6.07
CA PRO A 437 2.05 4.46 5.28
C PRO A 437 1.12 5.45 4.62
N GLU A 438 -0.19 5.23 4.63
CA GLU A 438 -1.03 5.92 3.63
C GLU A 438 -1.07 7.42 3.80
N THR A 439 -0.99 7.94 5.03
CA THR A 439 -0.99 9.41 5.17
C THR A 439 0.31 9.96 4.62
N VAL A 440 1.46 9.38 4.99
CA VAL A 440 2.73 9.92 4.53
C VAL A 440 2.94 9.70 3.03
N GLU A 441 2.41 8.60 2.49
CA GLU A 441 2.36 8.37 1.05
C GLU A 441 1.68 9.56 0.35
N SER A 442 0.49 9.92 0.80
CA SER A 442 -0.24 10.99 0.18
C SER A 442 0.42 12.35 0.39
N LEU A 443 1.07 12.57 1.54
CA LEU A 443 1.81 13.80 1.74
C LEU A 443 2.94 13.93 0.70
N PHE A 444 3.64 12.84 0.42
CA PHE A 444 4.66 12.83 -0.62
C PHE A 444 4.09 13.33 -1.94
N TYR A 445 2.99 12.78 -2.38
CA TYR A 445 2.43 13.20 -3.67
C TYR A 445 1.92 14.63 -3.60
N LEU A 446 1.23 15.01 -2.53
CA LEU A 446 0.75 16.39 -2.42
C LEU A 446 1.89 17.36 -2.47
N TYR A 447 2.98 17.07 -1.80
CA TYR A 447 4.14 17.95 -1.85
C TYR A 447 4.77 17.97 -3.22
N ARG A 448 4.96 16.82 -3.84
CA ARG A 448 5.57 16.78 -5.16
C ARG A 448 4.79 17.59 -6.17
N VAL A 449 3.48 17.52 -6.11
CA VAL A 449 2.65 18.17 -7.12
C VAL A 449 2.39 19.66 -6.80
N THR A 450 2.18 20.02 -5.52
CA THR A 450 1.85 21.42 -5.16
C THR A 450 3.05 22.24 -4.73
N GLY A 451 4.10 21.60 -4.23
CA GLY A 451 5.21 22.32 -3.62
C GLY A 451 4.93 23.01 -2.29
N ASP A 452 3.78 22.73 -1.66
CA ASP A 452 3.42 23.39 -0.42
C ASP A 452 4.13 22.70 0.74
N ARG A 453 5.06 23.41 1.37
CA ARG A 453 5.91 22.84 2.40
C ARG A 453 5.16 22.44 3.64
N LYS A 454 3.92 22.89 3.83
CA LYS A 454 3.14 22.42 4.96
C LYS A 454 3.03 20.89 4.97
N TYR A 455 2.99 20.29 3.79
CA TYR A 455 2.86 18.82 3.72
C TYR A 455 4.13 18.15 4.26
N GLN A 456 5.28 18.76 4.05
CA GLN A 456 6.52 18.27 4.69
C GLN A 456 6.43 18.40 6.20
N ASP A 457 5.94 19.55 6.69
CA ASP A 457 5.80 19.78 8.11
C ASP A 457 4.90 18.73 8.75
N TRP A 458 3.77 18.41 8.10
CA TRP A 458 2.84 17.42 8.65
C TRP A 458 3.49 16.02 8.72
N GLY A 459 4.25 15.68 7.69
CA GLY A 459 4.98 14.41 7.67
C GLY A 459 5.99 14.32 8.78
N TRP A 460 6.69 15.41 9.04
CA TRP A 460 7.67 15.44 10.12
C TRP A 460 7.00 15.27 11.49
N GLU A 461 5.86 15.90 11.68
CA GLU A 461 5.07 15.77 12.89
C GLU A 461 4.74 14.31 13.11
N ILE A 462 4.27 13.64 12.05
CA ILE A 462 3.89 12.23 12.15
C ILE A 462 5.12 11.35 12.48
N LEU A 463 6.24 11.60 11.81
CA LEU A 463 7.48 10.86 12.11
C LEU A 463 7.89 11.02 13.56
N GLN A 464 7.82 12.23 14.07
CA GLN A 464 8.17 12.43 15.49
C GLN A 464 7.25 11.66 16.41
N SER A 465 5.99 11.51 16.03
CA SER A 465 5.06 10.72 16.83
C SER A 465 5.43 9.24 16.77
N PHE A 466 5.77 8.73 15.58
CA PHE A 466 6.27 7.35 15.52
C PHE A 466 7.48 7.18 16.46
N SER A 467 8.39 8.13 16.43
CA SER A 467 9.60 8.03 17.26
C SER A 467 9.29 8.04 18.76
N ARG A 468 8.32 8.86 19.13
CA ARG A 468 7.97 9.04 20.54
C ARG A 468 7.21 7.87 21.09
N PHE A 469 6.34 7.27 20.28
CA PHE A 469 5.39 6.29 20.84
C PHE A 469 5.52 4.83 20.40
N THR A 470 6.34 4.58 19.38
CA THR A 470 6.48 3.21 18.83
C THR A 470 7.89 2.66 18.85
N ARG A 471 8.87 3.46 19.25
CA ARG A 471 10.28 3.04 19.26
C ARG A 471 10.53 2.01 20.37
N VAL A 472 11.26 0.95 20.03
CA VAL A 472 11.68 -0.07 21.00
C VAL A 472 13.17 0.12 21.27
N PRO A 473 13.57 0.38 22.52
CA PRO A 473 14.98 0.69 22.82
C PRO A 473 16.05 -0.24 22.21
N SER A 474 15.81 -1.55 22.24
CA SER A 474 16.81 -2.49 21.74
C SER A 474 16.93 -2.56 20.21
N GLY A 475 16.01 -1.88 19.51
CA GLY A 475 15.96 -1.88 18.07
C GLY A 475 14.56 -2.12 17.58
N GLY A 476 14.22 -1.56 16.43
CA GLY A 476 12.88 -1.76 15.90
C GLY A 476 11.88 -0.72 16.38
N TYR A 477 10.74 -0.72 15.70
CA TYR A 477 9.55 0.03 16.07
C TYR A 477 8.40 -0.95 16.02
N SER A 478 7.37 -0.72 16.83
CA SER A 478 6.23 -1.64 16.90
C SER A 478 4.90 -0.99 16.63
N SER A 479 4.03 -1.73 15.96
CA SER A 479 2.58 -1.45 16.00
C SER A 479 2.17 -1.26 17.43
N ILE A 480 1.17 -0.40 17.66
CA ILE A 480 0.67 -0.12 19.00
C ILE A 480 -0.83 -0.35 19.04
N ASN A 481 -1.34 -0.68 20.24
CA ASN A 481 -2.73 -1.01 20.39
C ASN A 481 -3.62 0.20 20.70
N ASN A 482 -3.05 1.32 21.11
CA ASN A 482 -3.88 2.47 21.58
C ASN A 482 -3.26 3.82 21.26
N VAL A 483 -3.68 4.37 20.12
CA VAL A 483 -3.23 5.67 19.72
C VAL A 483 -3.79 6.82 20.59
N GLN A 484 -4.72 6.51 21.48
CA GLN A 484 -5.30 7.54 22.35
C GLN A 484 -4.72 7.56 23.78
N ASP A 485 -3.68 6.77 24.04
CA ASP A 485 -3.04 6.75 25.35
C ASP A 485 -1.52 6.96 25.21
N PRO A 486 -1.06 8.20 25.30
CA PRO A 486 0.37 8.50 25.14
C PRO A 486 1.27 7.87 26.22
N GLN A 487 0.71 7.58 27.39
CA GLN A 487 1.46 6.96 28.47
C GLN A 487 1.54 5.46 28.33
N LYS A 488 0.52 4.87 27.72
CA LYS A 488 0.43 3.43 27.57
C LYS A 488 -0.09 3.07 26.18
N PRO A 489 0.73 3.34 25.14
CA PRO A 489 0.30 3.01 23.76
C PRO A 489 0.17 1.49 23.49
N GLU A 490 0.84 0.67 24.32
CA GLU A 490 0.69 -0.77 24.34
C GLU A 490 1.16 -1.45 23.02
N PRO A 491 2.47 -1.58 22.87
CA PRO A 491 3.00 -2.22 21.67
C PRO A 491 2.45 -3.62 21.43
N ARG A 492 2.15 -3.94 20.18
CA ARG A 492 1.69 -5.27 19.78
C ARG A 492 2.88 -6.23 19.47
N ASP A 493 4.12 -5.75 19.58
CA ASP A 493 5.31 -6.55 19.33
C ASP A 493 5.38 -7.05 17.89
N LYS A 494 5.23 -6.13 16.94
CA LYS A 494 5.35 -6.47 15.52
C LYS A 494 5.75 -5.26 14.74
N MET A 495 6.71 -5.43 13.82
CA MET A 495 7.09 -4.39 12.85
C MET A 495 6.70 -4.90 11.49
N GLU A 496 5.62 -4.35 10.93
CA GLU A 496 5.15 -4.76 9.62
C GLU A 496 6.18 -4.41 8.55
N SER A 497 6.29 -5.22 7.50
CA SER A 497 7.32 -4.95 6.45
C SER A 497 7.13 -3.61 5.78
N PHE A 498 5.90 -3.15 5.70
CA PHE A 498 5.60 -1.88 5.05
C PHE A 498 6.05 -0.66 5.83
N PHE A 499 6.48 -0.82 7.08
CA PHE A 499 7.09 0.32 7.78
C PHE A 499 8.39 0.75 7.09
N LEU A 500 9.25 -0.21 6.81
CA LEU A 500 10.50 0.07 6.11
C LEU A 500 10.34 0.08 4.59
N GLY A 501 9.40 -0.69 4.06
CA GLY A 501 9.14 -0.68 2.64
C GLY A 501 8.45 0.58 2.17
N GLU A 502 7.53 1.11 2.97
CA GLU A 502 6.72 2.22 2.54
C GLU A 502 6.84 3.46 3.42
N THR A 503 6.52 3.35 4.72
CA THR A 503 6.38 4.54 5.55
C THR A 503 7.64 5.37 5.52
N LEU A 504 8.78 4.74 5.73
CA LEU A 504 10.02 5.50 5.76
C LEU A 504 10.50 5.90 4.37
N LYS A 505 10.22 5.11 3.35
CA LYS A 505 10.58 5.53 1.96
C LYS A 505 9.84 6.81 1.59
N TYR A 506 8.52 6.84 1.79
CA TYR A 506 7.75 8.02 1.43
C TYR A 506 8.18 9.22 2.24
N LEU A 507 8.47 9.05 3.52
CA LEU A 507 8.96 10.19 4.32
C LEU A 507 10.28 10.72 3.78
N PHE A 508 11.23 9.84 3.47
CA PHE A 508 12.51 10.29 2.90
C PHE A 508 12.30 11.08 1.63
N LEU A 509 11.41 10.59 0.77
CA LEU A 509 11.13 11.26 -0.51
C LEU A 509 10.39 12.58 -0.29
N LEU A 510 9.48 12.59 0.65
CA LEU A 510 8.74 13.80 1.03
C LEU A 510 9.71 14.93 1.39
N PHE A 511 10.77 14.60 2.12
CA PHE A 511 11.71 15.61 2.62
C PHE A 511 12.79 15.97 1.63
N SER A 512 12.89 15.27 0.52
CA SER A 512 14.00 15.45 -0.40
C SER A 512 13.95 16.81 -1.04
N ASP A 513 15.12 17.44 -1.19
CA ASP A 513 15.27 18.70 -1.95
C ASP A 513 15.47 18.43 -3.46
N ASP A 514 15.50 17.16 -3.85
CA ASP A 514 15.77 16.76 -5.24
C ASP A 514 14.45 16.46 -5.97
N ASN A 516 14.91 15.39 -9.49
CA ASN A 516 15.43 14.25 -10.24
C ASN A 516 15.31 12.89 -9.51
N LEU A 517 14.87 12.89 -8.25
CA LEU A 517 14.81 11.65 -7.47
C LEU A 517 13.45 10.94 -7.65
N LEU A 518 13.49 9.76 -8.27
CA LEU A 518 12.28 8.98 -8.60
C LEU A 518 11.17 9.89 -9.14
N SER A 519 11.48 10.56 -10.24
CA SER A 519 10.57 11.50 -10.86
C SER A 519 9.22 10.87 -11.21
N LEU A 520 8.16 11.64 -11.00
CA LEU A 520 6.81 11.23 -11.42
C LEU A 520 6.70 11.02 -12.94
N ASP A 521 7.64 11.60 -13.70
CA ASP A 521 7.74 11.39 -15.18
C ASP A 521 8.35 10.05 -15.56
N ALA A 522 9.07 9.44 -14.64
CA ALA A 522 9.90 8.27 -14.95
C ALA A 522 9.52 6.96 -14.26
N TYR A 523 8.85 7.06 -13.11
CA TYR A 523 8.45 5.89 -12.33
C TYR A 523 7.05 6.03 -11.83
N VAL A 524 6.41 4.89 -11.65
CA VAL A 524 5.21 4.77 -10.91
C VAL A 524 5.47 3.81 -9.75
N PHE A 525 4.98 4.15 -8.56
CA PHE A 525 5.14 3.29 -7.39
C PHE A 525 4.04 2.26 -7.37
N ASN A 526 4.38 1.01 -7.09
CA ASN A 526 3.35 0.01 -6.85
C ASN A 526 2.70 0.31 -5.47
N THR A 527 1.73 -0.50 -5.08
CA THR A 527 0.95 -0.20 -3.87
C THR A 527 1.70 -0.54 -2.58
N GLU A 528 2.92 -1.08 -2.69
CA GLU A 528 3.84 -1.27 -1.57
C GLU A 528 5.09 -0.41 -1.77
N ALA A 529 4.92 0.74 -2.42
CA ALA A 529 5.98 1.75 -2.55
C ALA A 529 7.21 1.27 -3.30
N HIS A 530 7.03 0.35 -4.24
CA HIS A 530 8.14 -0.14 -5.06
C HIS A 530 8.12 0.52 -6.43
N PRO A 531 9.08 1.41 -6.73
CA PRO A 531 9.01 2.12 -8.01
C PRO A 531 9.33 1.27 -9.23
N LEU A 532 8.52 1.43 -10.28
CA LEU A 532 8.65 0.67 -11.50
C LEU A 532 8.67 1.67 -12.66
N PRO A 533 9.45 1.40 -13.71
CA PRO A 533 9.58 2.41 -14.77
C PRO A 533 8.31 2.61 -15.60
N ILE A 534 8.08 3.86 -15.96
CA ILE A 534 7.07 4.18 -16.95
C ILE A 534 7.58 3.77 -18.32
N TRP A 535 6.73 3.15 -19.10
CA TRP A 535 7.11 2.67 -20.43
C TRP A 535 7.11 3.84 -21.42
N THR A 536 8.12 4.68 -21.32
S2 Z5L B . -3.13 -4.01 1.85
C2 Z5L B . -4.73 -3.71 2.65
C1 Z5L B . -5.22 -4.96 3.33
O1 Z5L B . -6.35 -4.58 4.12
C1M Z5L B . -6.80 -5.60 5.04
O5 Z5L B . -5.55 -5.95 2.37
C3 Z5L B . -5.81 -3.21 1.68
O3 Z5L B . -5.32 -2.07 0.99
C4 Z5L B . -6.26 -4.32 0.70
O4 Z5L B . -7.46 -3.89 0.01
C5 Z5L B . -6.60 -5.59 1.44
C6 Z5L B . -6.72 -6.72 0.43
O6 Z5L B . -7.32 -7.86 1.07
C1 MAN B . -2.35 -2.37 1.65
C2 MAN B . -1.25 -2.50 0.63
C3 MAN B . 0.09 -2.05 1.11
C4 MAN B . 0.41 -2.58 2.48
C5 MAN B . -0.64 -2.09 3.47
C6 MAN B . -0.12 -0.83 4.16
O2 MAN B . -1.60 -1.72 -0.52
O3 MAN B . 0.16 -0.59 1.16
O4 MAN B . 0.54 -4.02 2.42
O5 MAN B . -1.90 -1.72 2.87
O6 MAN B . -1.09 -0.29 5.04
CA CA C . -0.95 0.62 -0.72
S SO4 D . 23.53 -1.87 18.88
O1 SO4 D . 23.13 -2.00 20.28
O2 SO4 D . 24.85 -2.38 18.76
O3 SO4 D . 22.61 -2.64 18.08
O4 SO4 D . 23.47 -0.46 18.54
C1 BU1 E . -20.27 -2.68 -18.92
C2 BU1 E . -21.56 -2.51 -18.11
C3 BU1 E . -22.16 -3.88 -17.80
C4 BU1 E . -23.48 -3.76 -17.08
O5 BU1 E . -19.30 -1.70 -18.52
#